data_2DRZ
#
_entry.id   2DRZ
#
_cell.length_a   40.186
_cell.length_b   89.296
_cell.length_c   41.642
_cell.angle_alpha   90.00
_cell.angle_beta   116.31
_cell.angle_gamma   90.00
#
_symmetry.space_group_name_H-M   'P 1 21 1'
#
loop_
_entity.id
_entity.type
_entity.pdbx_description
1 polymer '29-kDa galactose-binding lectin'
2 branched beta-D-galactopyranose-(1-4)-beta-D-glucopyranose
3 non-polymer 'SULFATE ION'
4 water water
#
_entity_poly.entity_id   1
_entity_poly.type   'polypeptide(L)'
_entity_poly.pdbx_seq_one_letter_code
;PKFFYIKSELNGKVLDIGGQNPAPGSKIITWDQKKGPTAVNQLWYTDQQGVIRSKLNDFAIDASHEQIETQPFDPNNPKR
AWIVSGNTIAQLSDRDNVLGVIKSDKGASAHICAWKQHGGPNQKFIIESE
;
_entity_poly.pdbx_strand_id   A,B
#
loop_
_chem_comp.id
_chem_comp.type
_chem_comp.name
_chem_comp.formula
BGC D-saccharide, beta linking beta-D-glucopyranose 'C6 H12 O6'
GAL D-saccharide, beta linking beta-D-galactopyranose 'C6 H12 O6'
SO4 non-polymer 'SULFATE ION' 'O4 S -2'
#
# COMPACT_ATOMS: atom_id res chain seq x y z
N PRO A 1 10.38 -19.68 -9.59
CA PRO A 1 9.96 -20.67 -10.61
C PRO A 1 8.47 -21.03 -10.54
N LYS A 2 7.77 -20.46 -9.55
CA LYS A 2 6.33 -20.69 -9.35
C LYS A 2 5.56 -19.58 -10.06
N PHE A 3 5.16 -19.84 -11.31
CA PHE A 3 4.43 -18.85 -12.09
C PHE A 3 2.95 -19.13 -12.14
N PHE A 4 2.15 -18.11 -12.41
CA PHE A 4 0.69 -18.26 -12.47
C PHE A 4 0.01 -17.29 -13.43
N TYR A 5 -1.27 -17.55 -13.70
CA TYR A 5 -2.07 -16.70 -14.57
C TYR A 5 -3.00 -15.87 -13.69
N ILE A 6 -3.39 -14.71 -14.19
CA ILE A 6 -4.33 -13.86 -13.47
C ILE A 6 -5.49 -13.73 -14.42
N LYS A 7 -6.57 -14.43 -14.09
CA LYS A 7 -7.77 -14.46 -14.92
C LYS A 7 -8.89 -13.57 -14.40
N SER A 8 -9.53 -12.86 -15.32
CA SER A 8 -10.61 -11.96 -14.97
C SER A 8 -11.93 -12.69 -14.77
N GLU A 9 -12.63 -12.33 -13.70
CA GLU A 9 -13.92 -12.93 -13.41
C GLU A 9 -14.98 -12.19 -14.22
N LEU A 10 -14.52 -11.32 -15.10
CA LEU A 10 -15.43 -10.56 -15.94
C LEU A 10 -15.52 -11.24 -17.29
N ASN A 11 -14.39 -11.41 -17.95
CA ASN A 11 -14.40 -12.03 -19.27
C ASN A 11 -13.72 -13.38 -19.33
N GLY A 12 -13.25 -13.87 -18.18
CA GLY A 12 -12.59 -15.16 -18.18
C GLY A 12 -11.28 -15.19 -18.95
N LYS A 13 -10.78 -14.03 -19.35
CA LYS A 13 -9.50 -13.97 -20.05
C LYS A 13 -8.44 -13.69 -18.98
N VAL A 14 -7.18 -13.52 -19.40
CA VAL A 14 -6.09 -13.30 -18.44
C VAL A 14 -5.19 -12.10 -18.74
N LEU A 15 -4.60 -11.53 -17.69
CA LEU A 15 -3.70 -10.41 -17.88
C LEU A 15 -2.66 -10.88 -18.87
N ASP A 16 -2.30 -10.00 -19.80
CA ASP A 16 -1.40 -10.34 -20.87
C ASP A 16 -0.68 -9.08 -21.34
N ILE A 17 0.64 -9.15 -21.49
CA ILE A 17 1.40 -8.00 -21.94
C ILE A 17 1.19 -7.87 -23.45
N GLY A 18 0.52 -6.80 -23.84
CA GLY A 18 0.20 -6.52 -25.23
C GLY A 18 1.20 -6.84 -26.31
N GLY A 19 0.88 -7.87 -27.11
CA GLY A 19 1.76 -8.27 -28.19
C GLY A 19 3.10 -8.79 -27.76
N GLN A 20 3.16 -9.37 -26.56
CA GLN A 20 4.40 -9.91 -26.04
C GLN A 20 5.49 -8.85 -25.98
N ASN A 21 5.09 -7.58 -26.11
CA ASN A 21 6.06 -6.50 -26.07
C ASN A 21 6.82 -6.56 -24.74
N PRO A 22 8.15 -6.70 -24.82
CA PRO A 22 9.05 -6.78 -23.66
C PRO A 22 9.48 -5.45 -23.09
N ALA A 23 9.36 -4.38 -23.86
CA ALA A 23 9.78 -3.06 -23.41
C ALA A 23 8.96 -2.51 -22.26
N PRO A 24 9.59 -1.69 -21.42
CA PRO A 24 8.83 -1.12 -20.30
C PRO A 24 7.74 -0.24 -20.90
N GLY A 25 6.67 -0.02 -20.16
CA GLY A 25 5.59 0.82 -20.64
C GLY A 25 4.59 0.16 -21.57
N SER A 26 4.68 -1.16 -21.71
CA SER A 26 3.77 -1.89 -22.59
C SER A 26 2.44 -2.08 -21.86
N LYS A 27 1.33 -1.84 -22.55
CA LYS A 27 0.02 -1.97 -21.93
C LYS A 27 -0.31 -3.41 -21.60
N ILE A 28 -0.99 -3.60 -20.47
CA ILE A 28 -1.39 -4.92 -20.03
C ILE A 28 -2.88 -5.04 -20.31
N ILE A 29 -3.25 -6.07 -21.08
CA ILE A 29 -4.64 -6.31 -21.46
C ILE A 29 -5.09 -7.67 -20.96
N THR A 30 -6.28 -8.09 -21.37
CA THR A 30 -6.79 -9.42 -21.04
C THR A 30 -6.86 -10.09 -22.39
N TRP A 31 -6.50 -11.36 -22.44
CA TRP A 31 -6.47 -12.11 -23.69
C TRP A 31 -6.72 -13.59 -23.43
N ASP A 32 -7.12 -14.33 -24.46
CA ASP A 32 -7.37 -15.74 -24.27
C ASP A 32 -6.15 -16.43 -23.69
N GLN A 33 -6.39 -17.20 -22.63
CA GLN A 33 -5.34 -17.92 -21.94
C GLN A 33 -4.60 -18.88 -22.87
N LYS A 34 -3.34 -18.57 -23.15
CA LYS A 34 -2.50 -19.41 -24.00
C LYS A 34 -1.79 -20.44 -23.13
N LYS A 35 -1.27 -21.48 -23.78
CA LYS A 35 -0.54 -22.55 -23.11
C LYS A 35 0.80 -22.81 -23.81
N GLY A 36 1.82 -23.20 -23.06
CA GLY A 36 3.11 -23.48 -23.65
C GLY A 36 4.11 -22.34 -23.50
N PRO A 37 5.29 -22.46 -24.13
CA PRO A 37 6.34 -21.44 -24.06
C PRO A 37 5.91 -20.09 -24.62
N THR A 38 4.71 -20.04 -25.19
CA THR A 38 4.19 -18.81 -25.77
C THR A 38 3.36 -18.03 -24.74
N ALA A 39 3.07 -18.66 -23.61
CA ALA A 39 2.27 -18.05 -22.55
C ALA A 39 3.07 -17.13 -21.63
N VAL A 40 4.37 -17.04 -21.87
CA VAL A 40 5.23 -16.23 -21.03
C VAL A 40 4.68 -14.82 -20.74
N ASN A 41 4.13 -14.14 -21.76
CA ASN A 41 3.61 -12.79 -21.53
C ASN A 41 2.30 -12.81 -20.76
N GLN A 42 1.88 -13.99 -20.32
CA GLN A 42 0.66 -14.14 -19.55
C GLN A 42 0.96 -14.76 -18.19
N LEU A 43 2.23 -14.99 -17.92
CA LEU A 43 2.64 -15.60 -16.66
C LEU A 43 3.22 -14.59 -15.68
N TRP A 44 2.87 -14.76 -14.41
CA TRP A 44 3.33 -13.87 -13.36
C TRP A 44 3.77 -14.63 -12.11
N TYR A 45 4.55 -13.97 -11.28
CA TYR A 45 5.01 -14.57 -10.04
C TYR A 45 5.12 -13.43 -9.03
N THR A 46 5.33 -13.76 -7.75
CA THR A 46 5.45 -12.74 -6.73
C THR A 46 6.84 -12.79 -6.16
N ASP A 47 7.46 -11.63 -5.99
CA ASP A 47 8.80 -11.62 -5.43
C ASP A 47 8.66 -11.98 -3.95
N GLN A 48 9.77 -11.93 -3.22
CA GLN A 48 9.76 -12.27 -1.81
C GLN A 48 8.77 -11.46 -0.98
N GLN A 49 8.55 -10.22 -1.38
CA GLN A 49 7.63 -9.33 -0.68
C GLN A 49 6.19 -9.68 -1.02
N GLY A 50 6.02 -10.39 -2.13
CA GLY A 50 4.70 -10.80 -2.56
C GLY A 50 4.24 -9.93 -3.71
N VAL A 51 5.10 -9.00 -4.11
CA VAL A 51 4.80 -8.09 -5.21
C VAL A 51 4.81 -8.80 -6.56
N ILE A 52 3.74 -8.58 -7.33
CA ILE A 52 3.57 -9.21 -8.63
C ILE A 52 4.54 -8.70 -9.69
N ARG A 53 5.10 -9.63 -10.46
CA ARG A 53 6.05 -9.34 -11.53
C ARG A 53 5.73 -10.21 -12.75
N SER A 54 6.27 -9.82 -13.90
CA SER A 54 6.08 -10.57 -15.13
C SER A 54 7.25 -11.53 -15.38
N LYS A 55 6.93 -12.75 -15.80
CA LYS A 55 7.95 -13.75 -16.09
C LYS A 55 8.79 -13.30 -17.27
N LEU A 56 8.15 -12.56 -18.18
CA LEU A 56 8.80 -12.08 -19.38
C LEU A 56 10.03 -11.21 -19.13
N ASN A 57 9.95 -10.31 -18.17
CA ASN A 57 11.05 -9.40 -17.90
C ASN A 57 11.21 -9.00 -16.43
N ASP A 58 10.50 -9.68 -15.53
CA ASP A 58 10.57 -9.36 -14.12
C ASP A 58 10.04 -7.96 -13.80
N PHE A 59 9.37 -7.34 -14.76
CA PHE A 59 8.83 -6.00 -14.52
C PHE A 59 7.60 -6.10 -13.62
N ALA A 60 7.27 -4.99 -12.97
CA ALA A 60 6.11 -4.97 -12.10
C ALA A 60 4.94 -4.35 -12.85
N ILE A 61 3.77 -4.39 -12.21
CA ILE A 61 2.60 -3.75 -12.79
C ILE A 61 2.73 -2.29 -12.34
N ASP A 62 2.46 -1.35 -13.23
CA ASP A 62 2.53 0.07 -12.90
C ASP A 62 1.22 0.78 -13.26
N ALA A 63 0.72 1.56 -12.32
CA ALA A 63 -0.52 2.31 -12.52
C ALA A 63 -0.25 3.81 -12.48
N SER A 64 0.83 4.26 -13.12
CA SER A 64 1.19 5.67 -13.16
C SER A 64 0.44 6.42 -14.25
N HIS A 65 0.00 5.68 -15.26
CA HIS A 65 -0.69 6.29 -16.40
C HIS A 65 -2.17 5.93 -16.50
N GLU A 66 -2.78 6.29 -17.63
CA GLU A 66 -4.20 6.03 -17.84
C GLU A 66 -4.58 4.57 -17.73
N GLN A 67 -3.73 3.69 -18.22
CA GLN A 67 -4.00 2.27 -18.14
C GLN A 67 -2.75 1.58 -17.62
N ILE A 68 -2.92 0.45 -16.95
CA ILE A 68 -1.76 -0.23 -16.42
C ILE A 68 -0.83 -0.73 -17.52
N GLU A 69 0.45 -0.71 -17.22
CA GLU A 69 1.47 -1.15 -18.14
C GLU A 69 2.63 -1.67 -17.33
N THR A 70 3.58 -2.30 -18.00
CA THR A 70 4.74 -2.84 -17.33
C THR A 70 5.75 -1.74 -17.13
N GLN A 71 6.55 -1.87 -16.08
CA GLN A 71 7.60 -0.91 -15.75
C GLN A 71 8.56 -1.62 -14.80
N PRO A 72 9.84 -1.23 -14.83
CA PRO A 72 10.83 -1.85 -13.95
C PRO A 72 10.37 -1.66 -12.50
N PHE A 73 10.54 -2.67 -11.65
CA PHE A 73 10.11 -2.51 -10.28
C PHE A 73 10.89 -1.46 -9.51
N ASP A 74 10.19 -0.65 -8.73
CA ASP A 74 10.81 0.39 -7.94
C ASP A 74 10.12 0.39 -6.59
N PRO A 75 10.85 0.07 -5.52
CA PRO A 75 10.26 0.05 -4.18
C PRO A 75 9.85 1.44 -3.70
N ASN A 76 10.32 2.47 -4.37
CA ASN A 76 10.00 3.86 -4.00
C ASN A 76 8.80 4.40 -4.76
N ASN A 77 8.27 3.61 -5.70
CA ASN A 77 7.11 4.02 -6.47
C ASN A 77 5.86 3.23 -6.04
N PRO A 78 4.98 3.87 -5.27
CA PRO A 78 3.74 3.27 -4.76
C PRO A 78 2.82 2.69 -5.82
N LYS A 79 2.90 3.19 -7.04
CA LYS A 79 2.04 2.68 -8.10
C LYS A 79 2.62 1.44 -8.82
N ARG A 80 3.69 0.87 -8.29
CA ARG A 80 4.29 -0.31 -8.91
C ARG A 80 4.32 -1.54 -8.01
N ALA A 81 3.75 -1.41 -6.82
CA ALA A 81 3.71 -2.50 -5.87
C ALA A 81 2.29 -3.04 -5.75
N TRP A 82 2.01 -4.13 -6.48
CA TRP A 82 0.71 -4.75 -6.47
C TRP A 82 0.82 -6.17 -5.93
N ILE A 83 -0.13 -6.56 -5.09
CA ILE A 83 -0.12 -7.88 -4.47
C ILE A 83 -1.47 -8.60 -4.64
N VAL A 84 -1.45 -9.90 -4.41
CA VAL A 84 -2.65 -10.73 -4.53
C VAL A 84 -3.32 -10.78 -3.17
N SER A 85 -4.61 -10.47 -3.14
CA SER A 85 -5.34 -10.50 -1.88
C SER A 85 -6.72 -11.09 -2.13
N GLY A 86 -6.80 -12.41 -2.10
CA GLY A 86 -8.06 -13.07 -2.35
C GLY A 86 -8.46 -12.98 -3.81
N ASN A 87 -9.60 -12.36 -4.07
CA ASN A 87 -10.10 -12.19 -5.43
C ASN A 87 -9.65 -10.88 -6.05
N THR A 88 -8.75 -10.17 -5.38
CA THR A 88 -8.31 -8.86 -5.87
C THR A 88 -6.81 -8.61 -5.98
N ILE A 89 -6.41 -7.86 -7.01
CA ILE A 89 -5.01 -7.48 -7.18
C ILE A 89 -4.99 -6.09 -6.56
N ALA A 90 -4.51 -6.02 -5.33
CA ALA A 90 -4.50 -4.77 -4.58
C ALA A 90 -3.19 -4.01 -4.49
N GLN A 91 -3.31 -2.69 -4.42
CA GLN A 91 -2.14 -1.84 -4.30
C GLN A 91 -1.62 -2.07 -2.89
N LEU A 92 -0.36 -2.44 -2.78
CA LEU A 92 0.25 -2.71 -1.49
C LEU A 92 0.08 -1.59 -0.48
N SER A 93 0.25 -0.36 -0.93
CA SER A 93 0.17 0.80 -0.03
C SER A 93 -1.24 1.36 0.17
N ASP A 94 -2.23 0.78 -0.50
CA ASP A 94 -3.62 1.23 -0.37
C ASP A 94 -4.53 0.12 -0.86
N ARG A 95 -4.89 -0.79 0.03
CA ARG A 95 -5.73 -1.92 -0.32
C ARG A 95 -7.09 -1.52 -0.88
N ASP A 96 -7.49 -0.27 -0.65
CA ASP A 96 -8.78 0.19 -1.18
C ASP A 96 -8.67 0.46 -2.66
N ASN A 97 -7.43 0.46 -3.18
CA ASN A 97 -7.20 0.71 -4.59
C ASN A 97 -6.84 -0.63 -5.23
N VAL A 98 -7.72 -1.14 -6.08
CA VAL A 98 -7.53 -2.43 -6.73
C VAL A 98 -7.68 -2.37 -8.25
N LEU A 99 -7.15 -3.39 -8.94
CA LEU A 99 -7.25 -3.44 -10.39
C LEU A 99 -8.62 -3.88 -10.87
N GLY A 100 -8.98 -3.44 -12.08
CA GLY A 100 -10.25 -3.79 -12.65
C GLY A 100 -10.17 -3.81 -14.15
N VAL A 101 -10.87 -4.77 -14.76
CA VAL A 101 -10.90 -4.91 -16.20
C VAL A 101 -11.95 -3.97 -16.79
N ILE A 102 -11.58 -3.33 -17.89
CA ILE A 102 -12.46 -2.40 -18.59
C ILE A 102 -12.48 -2.77 -20.06
N LYS A 103 -13.63 -3.25 -20.54
CA LYS A 103 -13.76 -3.65 -21.94
C LYS A 103 -13.42 -2.50 -22.86
N SER A 104 -13.07 -2.83 -24.09
CA SER A 104 -12.75 -1.81 -25.07
C SER A 104 -14.05 -1.22 -25.60
N ASP A 105 -13.97 0.00 -26.10
CA ASP A 105 -15.10 0.70 -26.67
C ASP A 105 -14.93 0.67 -28.20
N LYS A 106 -13.77 0.21 -28.64
CA LYS A 106 -13.43 0.15 -30.07
C LYS A 106 -13.35 -1.27 -30.62
N GLY A 107 -13.75 -2.26 -29.83
CA GLY A 107 -13.71 -3.62 -30.30
C GLY A 107 -12.32 -4.23 -30.22
N ALA A 108 -11.48 -3.67 -29.35
CA ALA A 108 -10.13 -4.18 -29.16
C ALA A 108 -10.13 -4.98 -27.86
N SER A 109 -8.96 -5.47 -27.47
CA SER A 109 -8.87 -6.23 -26.23
C SER A 109 -9.11 -5.28 -25.06
N ALA A 110 -9.68 -5.81 -23.98
CA ALA A 110 -9.95 -5.01 -22.80
C ALA A 110 -8.65 -4.56 -22.14
N HIS A 111 -8.69 -3.41 -21.45
CA HIS A 111 -7.51 -2.91 -20.76
C HIS A 111 -7.74 -2.95 -19.24
N ILE A 112 -6.81 -2.42 -18.47
CA ILE A 112 -6.95 -2.46 -17.01
C ILE A 112 -6.62 -1.12 -16.34
N CYS A 113 -7.36 -0.79 -15.29
CA CYS A 113 -7.13 0.43 -14.53
C CYS A 113 -7.23 0.10 -13.07
N ALA A 114 -6.82 1.05 -12.22
CA ALA A 114 -6.89 0.87 -10.79
C ALA A 114 -7.82 1.95 -10.24
N TRP A 115 -8.76 1.55 -9.40
CA TRP A 115 -9.69 2.50 -8.80
C TRP A 115 -10.32 1.89 -7.58
N LYS A 116 -11.10 2.69 -6.86
CA LYS A 116 -11.76 2.23 -5.65
C LYS A 116 -12.49 0.89 -5.83
N GLN A 117 -12.40 0.03 -4.83
CA GLN A 117 -13.07 -1.27 -4.85
C GLN A 117 -14.58 -1.04 -4.88
N HIS A 118 -15.26 -1.56 -5.90
CA HIS A 118 -16.71 -1.41 -6.01
C HIS A 118 -17.48 -2.72 -6.11
N GLY A 119 -16.86 -3.81 -5.66
CA GLY A 119 -17.52 -5.10 -5.64
C GLY A 119 -17.96 -5.80 -6.92
N GLY A 120 -17.71 -5.18 -8.07
CA GLY A 120 -18.11 -5.82 -9.31
C GLY A 120 -17.15 -6.93 -9.70
N PRO A 121 -17.53 -7.83 -10.61
CA PRO A 121 -16.64 -8.92 -11.02
C PRO A 121 -15.49 -8.36 -11.86
N ASN A 122 -15.70 -7.14 -12.36
CA ASN A 122 -14.68 -6.47 -13.16
C ASN A 122 -13.43 -6.23 -12.31
N GLN A 123 -13.59 -6.23 -10.99
CA GLN A 123 -12.46 -6.03 -10.09
C GLN A 123 -12.09 -7.31 -9.33
N LYS A 124 -12.53 -8.45 -9.83
CA LYS A 124 -12.19 -9.72 -9.19
C LYS A 124 -11.35 -10.59 -10.12
N PHE A 125 -10.37 -11.26 -9.54
CA PHE A 125 -9.47 -12.12 -10.30
C PHE A 125 -9.27 -13.49 -9.64
N ILE A 126 -8.86 -14.45 -10.44
CA ILE A 126 -8.60 -15.82 -9.97
C ILE A 126 -7.16 -16.14 -10.33
N ILE A 127 -6.39 -16.56 -9.34
CA ILE A 127 -5.00 -16.94 -9.54
C ILE A 127 -5.04 -18.39 -10.01
N GLU A 128 -4.40 -18.67 -11.13
CA GLU A 128 -4.43 -20.01 -11.68
C GLU A 128 -3.02 -20.53 -11.95
N SER A 129 -2.62 -21.55 -11.20
CA SER A 129 -1.30 -22.15 -11.33
C SER A 129 -0.94 -22.38 -12.80
N GLU A 130 0.34 -22.35 -13.11
CA GLU A 130 0.81 -22.54 -14.47
C GLU A 130 0.52 -23.96 -14.99
N PRO B 1 18.06 15.06 11.12
CA PRO B 1 18.11 13.62 10.80
C PRO B 1 17.40 13.32 9.47
N LYS B 2 16.87 12.11 9.36
CA LYS B 2 16.16 11.69 8.17
C LYS B 2 14.67 11.75 8.49
N PHE B 3 13.89 12.31 7.57
CA PHE B 3 12.46 12.44 7.79
C PHE B 3 11.64 11.53 6.89
N PHE B 4 10.49 11.11 7.39
CA PHE B 4 9.66 10.20 6.64
C PHE B 4 8.17 10.28 6.97
N TYR B 5 7.37 9.76 6.04
CA TYR B 5 5.93 9.71 6.21
C TYR B 5 5.68 8.27 6.62
N ILE B 6 4.60 8.07 7.36
CA ILE B 6 4.19 6.74 7.77
C ILE B 6 2.87 6.55 7.04
N LYS B 7 2.86 5.66 6.05
CA LYS B 7 1.66 5.42 5.24
C LYS B 7 0.94 4.12 5.56
N SER B 8 -0.32 4.23 5.91
CA SER B 8 -1.18 3.09 6.21
C SER B 8 -1.47 2.31 4.93
N GLU B 9 -1.28 0.99 4.97
CA GLU B 9 -1.56 0.18 3.78
C GLU B 9 -3.06 -0.01 3.62
N LEU B 10 -3.80 0.17 4.71
CA LEU B 10 -5.25 0.00 4.69
C LEU B 10 -5.94 0.98 3.74
N ASN B 11 -5.64 2.27 3.88
CA ASN B 11 -6.26 3.29 3.05
C ASN B 11 -5.33 4.17 2.24
N GLY B 12 -4.02 3.93 2.31
CA GLY B 12 -3.08 4.73 1.52
C GLY B 12 -2.88 6.17 1.98
N LYS B 13 -3.36 6.49 3.17
CA LYS B 13 -3.20 7.84 3.72
C LYS B 13 -2.07 7.75 4.74
N VAL B 14 -1.56 8.91 5.16
CA VAL B 14 -0.46 8.93 6.10
C VAL B 14 -0.82 9.41 7.49
N LEU B 15 -0.01 9.02 8.48
CA LEU B 15 -0.24 9.46 9.84
C LEU B 15 -0.17 10.98 9.70
N ASP B 16 -1.10 11.67 10.36
CA ASP B 16 -1.18 13.11 10.24
C ASP B 16 -1.67 13.76 11.52
N ILE B 17 -0.97 14.81 11.96
CA ILE B 17 -1.37 15.52 13.17
C ILE B 17 -2.55 16.37 12.74
N GLY B 18 -3.75 15.97 13.16
CA GLY B 18 -4.96 16.69 12.81
C GLY B 18 -4.88 18.21 12.93
N GLY B 19 -5.34 18.89 11.89
CA GLY B 19 -5.35 20.34 11.87
C GLY B 19 -3.99 20.99 12.06
N GLN B 20 -2.92 20.22 11.90
CA GLN B 20 -1.56 20.75 12.06
C GLN B 20 -1.33 21.29 13.46
N ASN B 21 -2.22 20.92 14.38
CA ASN B 21 -2.13 21.36 15.77
C ASN B 21 -0.81 20.95 16.40
N PRO B 22 -0.04 21.92 16.91
CA PRO B 22 1.25 21.60 17.55
C PRO B 22 1.14 21.41 19.07
N ALA B 23 -0.06 21.57 19.61
CA ALA B 23 -0.25 21.41 21.05
C ALA B 23 -0.15 19.97 21.50
N PRO B 24 0.17 19.76 22.78
CA PRO B 24 0.27 18.39 23.26
C PRO B 24 -1.13 17.81 23.27
N GLY B 25 -1.24 16.49 23.07
CA GLY B 25 -2.55 15.87 23.08
C GLY B 25 -3.36 16.09 21.82
N SER B 26 -2.67 16.28 20.69
CA SER B 26 -3.37 16.48 19.42
C SER B 26 -3.54 15.10 18.76
N LYS B 27 -4.77 14.79 18.37
CA LYS B 27 -5.07 13.49 17.78
C LYS B 27 -4.37 13.25 16.45
N ILE B 28 -3.80 12.06 16.32
CA ILE B 28 -3.10 11.67 15.09
C ILE B 28 -4.08 10.91 14.22
N ILE B 29 -4.26 11.38 12.99
CA ILE B 29 -5.18 10.75 12.07
C ILE B 29 -4.42 10.30 10.83
N THR B 30 -5.17 9.80 9.84
CA THR B 30 -4.59 9.41 8.58
C THR B 30 -5.17 10.46 7.64
N TRP B 31 -4.36 10.93 6.72
CA TRP B 31 -4.82 11.96 5.81
C TRP B 31 -4.05 11.89 4.51
N ASP B 32 -4.63 12.45 3.46
CA ASP B 32 -3.97 12.47 2.16
C ASP B 32 -2.59 13.07 2.35
N GLN B 33 -1.60 12.40 1.77
CA GLN B 33 -0.23 12.86 1.85
C GLN B 33 -0.07 14.23 1.18
N LYS B 34 0.73 15.09 1.82
CA LYS B 34 0.99 16.45 1.30
C LYS B 34 2.47 16.59 0.95
N LYS B 35 2.90 17.83 0.66
CA LYS B 35 4.30 18.08 0.31
C LYS B 35 4.78 19.46 0.77
N GLY B 36 6.03 19.53 1.23
CA GLY B 36 6.60 20.80 1.66
C GLY B 36 6.32 21.25 3.08
N PRO B 37 6.25 22.57 3.31
CA PRO B 37 5.98 23.17 4.62
C PRO B 37 4.79 22.57 5.35
N THR B 38 3.66 22.45 4.65
CA THR B 38 2.45 21.88 5.25
C THR B 38 2.60 20.38 5.50
N ALA B 39 3.57 19.77 4.84
CA ALA B 39 3.80 18.35 5.00
C ALA B 39 4.47 18.07 6.35
N VAL B 40 4.79 19.16 7.06
CA VAL B 40 5.47 19.06 8.35
C VAL B 40 4.70 18.27 9.41
N ASN B 41 3.37 18.32 9.35
CA ASN B 41 2.58 17.58 10.34
C ASN B 41 2.35 16.12 9.93
N GLN B 42 3.05 15.70 8.89
CA GLN B 42 2.96 14.32 8.40
C GLN B 42 4.35 13.72 8.33
N LEU B 43 5.33 14.40 8.90
CA LEU B 43 6.70 13.92 8.87
C LEU B 43 7.21 13.54 10.25
N TRP B 44 8.11 12.55 10.29
CA TRP B 44 8.64 12.10 11.56
C TRP B 44 10.10 11.69 11.43
N TYR B 45 10.73 11.46 12.58
CA TYR B 45 12.12 11.02 12.60
C TYR B 45 12.30 10.25 13.90
N THR B 46 13.25 9.33 13.92
CA THR B 46 13.49 8.53 15.12
C THR B 46 14.69 9.09 15.85
N ASP B 47 14.55 9.34 17.15
CA ASP B 47 15.64 9.87 17.95
C ASP B 47 16.73 8.83 18.17
N GLN B 48 17.66 9.16 19.06
CA GLN B 48 18.78 8.28 19.38
C GLN B 48 18.40 6.87 19.77
N GLN B 49 17.30 6.73 20.50
CA GLN B 49 16.85 5.41 20.93
C GLN B 49 16.01 4.73 19.85
N GLY B 50 15.75 5.44 18.76
CA GLY B 50 14.96 4.88 17.68
C GLY B 50 13.48 5.19 17.84
N VAL B 51 13.15 5.95 18.88
CA VAL B 51 11.78 6.34 19.14
C VAL B 51 11.32 7.40 18.15
N ILE B 52 10.08 7.26 17.68
CA ILE B 52 9.51 8.18 16.70
C ILE B 52 9.10 9.53 17.29
N ARG B 53 9.43 10.59 16.57
CA ARG B 53 9.10 11.95 16.99
C ARG B 53 8.52 12.69 15.80
N SER B 54 7.77 13.75 16.10
CA SER B 54 7.16 14.58 15.05
C SER B 54 8.12 15.69 14.64
N LYS B 55 8.41 15.78 13.35
CA LYS B 55 9.31 16.82 12.85
C LYS B 55 8.76 18.20 13.20
N LEU B 56 7.46 18.24 13.50
CA LEU B 56 6.80 19.49 13.84
C LEU B 56 7.13 20.04 15.23
N ASN B 57 7.21 19.16 16.21
CA ASN B 57 7.49 19.58 17.57
C ASN B 57 8.31 18.57 18.38
N ASP B 58 8.86 17.58 17.69
CA ASP B 58 9.66 16.56 18.36
C ASP B 58 8.82 15.75 19.35
N PHE B 59 7.50 15.92 19.28
CA PHE B 59 6.63 15.17 20.18
C PHE B 59 6.55 13.69 19.78
N ALA B 60 6.37 12.83 20.77
CA ALA B 60 6.29 11.39 20.53
C ALA B 60 4.83 11.00 20.27
N ILE B 61 4.64 9.77 19.82
CA ILE B 61 3.30 9.25 19.59
C ILE B 61 2.89 8.73 20.96
N ASP B 62 1.68 9.05 21.40
CA ASP B 62 1.23 8.57 22.70
C ASP B 62 0.02 7.68 22.59
N ALA B 63 0.07 6.55 23.28
CA ALA B 63 -1.00 5.56 23.28
C ALA B 63 -1.57 5.35 24.67
N SER B 64 -1.54 6.40 25.48
CA SER B 64 -2.08 6.33 26.84
C SER B 64 -3.59 6.14 26.80
N HIS B 65 -4.20 6.62 25.71
CA HIS B 65 -5.64 6.50 25.48
C HIS B 65 -5.73 5.49 24.33
N GLU B 66 -6.93 5.07 23.98
CA GLU B 66 -7.10 4.12 22.88
C GLU B 66 -6.65 4.76 21.58
N GLN B 67 -7.14 5.96 21.30
CA GLN B 67 -6.73 6.64 20.07
C GLN B 67 -5.42 7.33 20.37
N ILE B 68 -4.46 7.26 19.45
CA ILE B 68 -3.17 7.85 19.68
C ILE B 68 -3.21 9.35 19.44
N GLU B 69 -2.32 10.06 20.11
CA GLU B 69 -2.24 11.51 19.99
C GLU B 69 -0.80 11.92 20.29
N THR B 70 -0.44 13.14 19.92
CA THR B 70 0.91 13.61 20.17
C THR B 70 1.05 13.97 21.64
N GLN B 71 2.28 13.91 22.13
CA GLN B 71 2.61 14.22 23.52
C GLN B 71 4.12 14.25 23.64
N PRO B 72 4.69 15.26 24.31
CA PRO B 72 6.14 15.32 24.46
C PRO B 72 6.64 14.01 25.04
N PHE B 73 7.76 13.53 24.50
CA PHE B 73 8.33 12.27 24.95
C PHE B 73 8.54 12.20 26.45
N ASP B 74 8.32 11.02 27.00
CA ASP B 74 8.48 10.76 28.43
C ASP B 74 9.15 9.41 28.59
N PRO B 75 10.35 9.38 29.19
CA PRO B 75 11.10 8.13 29.40
C PRO B 75 10.36 7.14 30.28
N ASN B 76 9.55 7.65 31.20
CA ASN B 76 8.81 6.81 32.13
C ASN B 76 7.39 6.47 31.67
N ASN B 77 7.12 6.64 30.38
CA ASN B 77 5.81 6.31 29.83
C ASN B 77 6.04 5.32 28.70
N PRO B 78 5.84 4.02 28.95
CA PRO B 78 6.04 3.02 27.90
C PRO B 78 5.19 3.27 26.65
N LYS B 79 4.10 4.01 26.80
CA LYS B 79 3.20 4.28 25.68
C LYS B 79 3.56 5.48 24.80
N ARG B 80 4.76 6.02 24.97
CA ARG B 80 5.19 7.14 24.15
C ARG B 80 6.47 6.78 23.39
N ALA B 81 6.87 5.52 23.51
CA ALA B 81 8.07 5.02 22.84
C ALA B 81 7.68 4.04 21.74
N TRP B 82 7.60 4.55 20.52
CA TRP B 82 7.24 3.74 19.36
C TRP B 82 8.40 3.75 18.39
N ILE B 83 8.64 2.62 17.72
CA ILE B 83 9.74 2.51 16.79
C ILE B 83 9.27 2.02 15.42
N VAL B 84 10.12 2.19 14.42
CA VAL B 84 9.80 1.72 13.09
C VAL B 84 10.43 0.35 12.95
N SER B 85 9.62 -0.66 12.68
CA SER B 85 10.10 -2.02 12.53
C SER B 85 9.49 -2.61 11.26
N GLY B 86 10.26 -2.59 10.18
CA GLY B 86 9.77 -3.11 8.92
C GLY B 86 8.53 -2.34 8.51
N ASN B 87 7.39 -3.03 8.43
CA ASN B 87 6.14 -2.42 8.03
C ASN B 87 5.21 -2.22 9.21
N THR B 88 5.77 -2.25 10.42
CA THR B 88 4.95 -2.10 11.59
C THR B 88 5.50 -1.01 12.51
N ILE B 89 4.60 -0.36 13.23
CA ILE B 89 4.98 0.67 14.18
C ILE B 89 4.72 -0.04 15.50
N ALA B 90 5.79 -0.42 16.19
CA ALA B 90 5.66 -1.17 17.42
C ALA B 90 6.11 -0.45 18.67
N GLN B 91 5.56 -0.88 19.80
CA GLN B 91 5.91 -0.32 21.11
C GLN B 91 7.28 -0.87 21.47
N LEU B 92 8.21 0.03 21.74
CA LEU B 92 9.58 -0.33 22.08
C LEU B 92 9.68 -1.44 23.12
N SER B 93 8.95 -1.29 24.23
CA SER B 93 8.99 -2.30 25.31
C SER B 93 7.97 -3.40 25.15
N ASP B 94 7.21 -3.38 24.06
CA ASP B 94 6.17 -4.39 23.82
C ASP B 94 6.00 -4.54 22.31
N ARG B 95 6.95 -5.24 21.69
CA ARG B 95 6.94 -5.44 20.25
C ARG B 95 5.67 -6.06 19.67
N ASP B 96 4.90 -6.79 20.47
CA ASP B 96 3.67 -7.37 19.96
C ASP B 96 2.49 -6.41 20.02
N ASN B 97 2.69 -5.25 20.64
CA ASN B 97 1.63 -4.25 20.71
C ASN B 97 2.02 -3.23 19.65
N VAL B 98 1.32 -3.26 18.52
CA VAL B 98 1.63 -2.38 17.42
C VAL B 98 0.47 -1.52 16.93
N LEU B 99 0.81 -0.37 16.37
CA LEU B 99 -0.19 0.56 15.86
C LEU B 99 -0.98 -0.01 14.70
N GLY B 100 -2.20 0.48 14.55
CA GLY B 100 -3.05 0.03 13.46
C GLY B 100 -4.13 1.04 13.15
N VAL B 101 -4.70 0.96 11.95
CA VAL B 101 -5.77 1.85 11.52
C VAL B 101 -7.09 1.09 11.46
N ILE B 102 -8.14 1.71 12.00
CA ILE B 102 -9.49 1.14 12.03
C ILE B 102 -10.35 2.04 11.14
N LYS B 103 -11.30 1.45 10.42
CA LYS B 103 -12.19 2.23 9.56
C LYS B 103 -13.05 3.22 10.37
N SER B 104 -14.05 3.78 9.71
CA SER B 104 -14.98 4.71 10.34
C SER B 104 -16.40 4.29 10.03
N ASP B 105 -17.38 4.93 10.68
CA ASP B 105 -18.78 4.64 10.47
C ASP B 105 -19.53 5.90 10.07
N LYS B 106 -19.13 7.02 10.64
CA LYS B 106 -19.73 8.31 10.37
C LYS B 106 -19.01 8.97 9.21
N GLY B 107 -18.28 8.18 8.44
CA GLY B 107 -17.53 8.72 7.32
C GLY B 107 -16.46 9.65 7.84
N ALA B 108 -16.36 9.74 9.16
CA ALA B 108 -15.36 10.59 9.79
C ALA B 108 -14.00 9.93 9.61
N SER B 109 -12.95 10.74 9.63
CA SER B 109 -11.60 10.24 9.45
C SER B 109 -11.38 8.93 10.21
N ALA B 110 -10.60 8.03 9.62
CA ALA B 110 -10.29 6.76 10.26
C ALA B 110 -9.24 7.11 11.31
N HIS B 111 -9.27 6.40 12.43
CA HIS B 111 -8.31 6.68 13.50
C HIS B 111 -7.33 5.55 13.77
N ILE B 112 -6.29 5.89 14.54
CA ILE B 112 -5.24 4.96 14.90
C ILE B 112 -5.34 4.48 16.34
N CYS B 113 -5.03 3.20 16.55
CA CYS B 113 -5.04 2.60 17.88
C CYS B 113 -3.89 1.60 17.93
N ALA B 114 -3.64 1.06 19.11
CA ALA B 114 -2.60 0.07 19.28
C ALA B 114 -3.27 -1.16 19.85
N TRP B 115 -2.90 -2.32 19.34
CA TRP B 115 -3.43 -3.56 19.84
C TRP B 115 -2.50 -4.68 19.41
N LYS B 116 -2.67 -5.86 19.99
CA LYS B 116 -1.83 -7.00 19.66
C LYS B 116 -1.79 -7.22 18.15
N GLN B 117 -0.59 -7.34 17.61
CA GLN B 117 -0.39 -7.55 16.18
C GLN B 117 -1.26 -8.72 15.71
N HIS B 118 -1.92 -8.57 14.56
CA HIS B 118 -2.78 -9.62 14.05
C HIS B 118 -2.45 -10.18 12.68
N GLY B 119 -1.93 -9.36 11.78
CA GLY B 119 -1.59 -9.90 10.48
C GLY B 119 -2.23 -9.29 9.24
N GLY B 120 -3.42 -8.71 9.37
CA GLY B 120 -4.02 -8.11 8.19
C GLY B 120 -3.37 -6.78 7.84
N PRO B 121 -3.92 -6.02 6.87
CA PRO B 121 -3.39 -4.74 6.44
C PRO B 121 -3.56 -3.59 7.44
N ASN B 122 -4.49 -3.75 8.39
CA ASN B 122 -4.76 -2.71 9.38
C ASN B 122 -3.52 -2.22 10.14
N GLN B 123 -2.64 -3.15 10.48
CA GLN B 123 -1.43 -2.81 11.22
C GLN B 123 -0.17 -2.79 10.38
N LYS B 124 -0.33 -2.61 9.07
CA LYS B 124 0.80 -2.55 8.15
C LYS B 124 0.98 -1.11 7.68
N PHE B 125 2.23 -0.68 7.59
CA PHE B 125 2.53 0.67 7.16
C PHE B 125 3.71 0.67 6.21
N ILE B 126 3.85 1.78 5.49
CA ILE B 126 4.95 1.93 4.55
C ILE B 126 5.65 3.25 4.83
N ILE B 127 6.94 3.15 5.15
CA ILE B 127 7.76 4.32 5.46
C ILE B 127 8.25 4.94 4.17
N GLU B 128 8.12 6.26 4.06
CA GLU B 128 8.57 6.95 2.86
C GLU B 128 9.35 8.20 3.22
N SER B 129 10.61 8.26 2.77
CA SER B 129 11.48 9.40 3.04
C SER B 129 10.87 10.73 2.58
N GLU B 130 11.23 11.81 3.27
CA GLU B 130 10.73 13.13 2.95
C GLU B 130 11.03 13.53 1.51
C2 BGC C . 0.45 -9.44 -33.42
C3 BGC C . 0.48 -9.62 -31.90
C4 BGC C . 0.97 -11.05 -31.63
C5 BGC C . 2.37 -11.23 -32.27
C6 BGC C . 2.95 -12.61 -32.07
C1 BGC C . 1.85 -9.67 -34.01
O1 BGC C . 1.78 -9.56 -35.39
O2 BGC C . 0.00 -8.12 -33.73
O3 BGC C . -0.83 -9.45 -31.41
O4 BGC C . 1.03 -11.40 -30.22
O5 BGC C . 2.29 -10.98 -33.69
O6 BGC C . 1.92 -13.58 -31.90
C1 GAL C . -0.14 -11.55 -29.48
C2 GAL C . 0.20 -12.10 -28.10
C3 GAL C . -1.09 -12.23 -27.31
C4 GAL C . -1.76 -10.87 -27.21
C5 GAL C . -2.03 -10.34 -28.61
C6 GAL C . -2.61 -8.93 -28.57
O2 GAL C . 0.82 -13.37 -28.23
O3 GAL C . -0.82 -12.73 -26.01
O4 GAL C . -0.90 -9.96 -26.51
O5 GAL C . -0.79 -10.27 -29.36
O6 GAL C . -2.96 -8.46 -29.85
C2 BGC D . -9.04 22.99 9.43
C3 BGC D . -7.75 22.18 9.60
C4 BGC D . -6.92 22.38 8.32
C5 BGC D . -6.63 23.88 8.15
C6 BGC D . -5.84 24.18 6.90
C1 BGC D . -8.69 24.47 9.22
O1 BGC D . -9.85 25.20 9.02
O2 BGC D . -9.85 22.84 10.58
O3 BGC D . -8.08 20.81 9.78
O4 BGC D . -5.65 21.68 8.38
O5 BGC D . -7.88 24.61 8.05
O6 BGC D . -6.53 23.77 5.73
C1 GAL D . -5.58 20.41 7.81
C2 GAL D . -4.14 19.90 7.88
C3 GAL D . -4.09 18.49 7.29
C4 GAL D . -5.00 17.61 8.12
C5 GAL D . -6.43 18.17 8.04
C6 GAL D . -7.38 17.36 8.90
O2 GAL D . -3.29 20.77 7.17
O3 GAL D . -2.76 18.00 7.35
O4 GAL D . -4.57 17.61 9.47
O5 GAL D . -6.45 19.53 8.54
O6 GAL D . -8.64 18.01 9.03
S SO4 E . -17.30 6.50 -4.79
O1 SO4 E . -18.16 7.43 -5.55
O2 SO4 E . -16.49 5.70 -5.72
O3 SO4 E . -18.13 5.61 -3.97
O4 SO4 E . -16.41 7.29 -3.91
S SO4 F . -13.92 -8.79 -24.14
O1 SO4 F . -13.63 -8.29 -22.79
O2 SO4 F . -12.71 -9.31 -24.77
O3 SO4 F . -14.45 -7.68 -24.96
O4 SO4 F . -14.93 -9.86 -24.05
S SO4 G . -10.77 1.85 -25.69
O1 SO4 G . -9.96 2.92 -26.30
O2 SO4 G . -10.32 0.56 -26.25
O3 SO4 G . -12.18 2.09 -26.02
O4 SO4 G . -10.59 1.85 -24.24
S SO4 H . -10.47 7.64 23.03
O1 SO4 H . -11.03 7.39 21.69
O2 SO4 H . -9.05 7.22 23.07
O3 SO4 H . -11.24 6.89 24.02
O4 SO4 H . -10.55 9.08 23.34
#